data_1LBX
#
_entry.id   1LBX
#
_cell.length_a   53.024
_cell.length_b   54.584
_cell.length_c   83.060
_cell.angle_alpha   90.00
_cell.angle_beta   104.95
_cell.angle_gamma   90.00
#
_symmetry.space_group_name_H-M   'P 1 21 1'
#
loop_
_entity.id
_entity.type
_entity.pdbx_description
1 polymer 'fructose 1,6-bisphosphatase/inositol monophosphatase'
2 non-polymer 'CALCIUM ION'
3 non-polymer D-MYO-INOSITOL-1-PHOSPHATE
4 water water
#
_entity_poly.entity_id   1
_entity_poly.type   'polypeptide(L)'
_entity_poly.pdbx_seq_one_letter_code
;MDERDALRISREIAGEVRKAIASMPLRERVKDVGMGKDGTPTKAADRVAEDAALEILRKERVTVVTEESGVLGEGDVFVA
LDPLDGTFNATRGIPVYSVSLCFSYSDKLKDAFFGYVYNLATGDEYYADSSGAYRNGERIEVSDAEELYCNAIIYYPDRK
FPFKRMRIFGSAATELCFFADGSFDCFLDIRPGKMLRIYDAAAGVFIAEKAGGKVTELDGESLGNKKFDMQERLNIVAAN
EKLHPKLLELIK
;
_entity_poly.pdbx_strand_id   A,B
#
# COMPACT_ATOMS: atom_id res chain seq x y z
N MET A 1 3.64 23.73 -27.37
CA MET A 1 3.97 22.69 -26.42
C MET A 1 3.46 21.32 -26.90
N ASP A 2 4.30 20.32 -26.75
CA ASP A 2 3.98 18.94 -27.12
C ASP A 2 4.33 17.99 -25.98
N GLU A 3 4.08 16.71 -26.21
CA GLU A 3 4.26 15.66 -25.22
C GLU A 3 5.73 15.40 -24.89
N ARG A 4 6.63 16.00 -25.66
CA ARG A 4 8.06 15.85 -25.38
C ARG A 4 8.49 16.84 -24.29
N ASP A 5 7.95 18.05 -24.35
CA ASP A 5 8.24 19.04 -23.31
C ASP A 5 7.58 18.65 -22.00
N ALA A 6 6.32 18.22 -22.07
CA ALA A 6 5.56 17.81 -20.90
C ALA A 6 6.30 16.75 -20.08
N LEU A 7 6.97 15.86 -20.80
CA LEU A 7 7.76 14.77 -20.24
C LEU A 7 9.02 15.34 -19.60
N ARG A 8 9.68 16.18 -20.39
CA ARG A 8 10.92 16.85 -20.00
C ARG A 8 10.69 17.77 -18.80
N ILE A 9 9.55 18.47 -18.80
CA ILE A 9 9.20 19.36 -17.70
C ILE A 9 8.82 18.52 -16.49
N SER A 10 8.15 17.40 -16.78
CA SER A 10 7.61 16.57 -15.71
C SER A 10 8.70 15.81 -14.99
N ARG A 11 9.68 15.38 -15.77
CA ARG A 11 10.86 14.65 -15.37
C ARG A 11 11.75 15.50 -14.46
N GLU A 12 11.85 16.78 -14.77
CA GLU A 12 12.53 17.78 -13.94
C GLU A 12 11.77 17.99 -12.64
N ILE A 13 10.45 18.18 -12.75
CA ILE A 13 9.71 18.43 -11.51
C ILE A 13 9.80 17.21 -10.60
N ALA A 14 9.82 16.04 -11.22
CA ALA A 14 9.94 14.75 -10.53
C ALA A 14 11.28 14.67 -9.79
N GLY A 15 12.34 15.11 -10.46
CA GLY A 15 13.64 15.20 -9.81
C GLY A 15 13.64 16.14 -8.62
N GLU A 16 13.20 17.38 -8.80
CA GLU A 16 13.30 18.34 -7.70
C GLU A 16 12.42 17.96 -6.54
N VAL A 17 11.13 17.68 -6.82
CA VAL A 17 10.26 17.35 -5.69
C VAL A 17 10.75 16.09 -4.99
N ARG A 18 11.35 15.18 -5.75
CA ARG A 18 11.93 13.99 -5.13
C ARG A 18 13.02 14.41 -4.15
N LYS A 19 13.98 15.19 -4.63
CA LYS A 19 15.05 15.71 -3.79
C LYS A 19 14.46 16.35 -2.52
N ALA A 20 13.53 17.27 -2.77
CA ALA A 20 12.81 18.01 -1.76
C ALA A 20 12.35 17.13 -0.60
N ILE A 21 11.46 16.20 -0.89
CA ILE A 21 10.85 15.40 0.17
C ILE A 21 11.83 14.40 0.81
N ALA A 22 12.63 13.73 -0.01
CA ALA A 22 13.55 12.72 0.49
C ALA A 22 14.44 13.23 1.62
N SER A 23 15.22 14.26 1.35
CA SER A 23 16.14 14.80 2.35
C SER A 23 15.41 15.24 3.61
N MET A 24 14.14 15.58 3.46
CA MET A 24 13.24 16.04 4.50
C MET A 24 12.80 14.92 5.43
N PRO A 25 13.20 15.03 6.70
CA PRO A 25 12.82 13.99 7.66
C PRO A 25 11.29 13.88 7.74
N LEU A 26 10.81 12.82 8.36
CA LEU A 26 9.38 12.60 8.49
C LEU A 26 8.77 13.58 9.49
N ARG A 27 9.51 13.86 10.55
CA ARG A 27 9.05 14.77 11.59
C ARG A 27 8.54 16.07 10.99
N GLU A 28 9.39 16.68 10.16
CA GLU A 28 9.04 17.95 9.52
C GLU A 28 7.90 17.73 8.52
N ARG A 29 7.98 16.60 7.82
CA ARG A 29 7.00 16.17 6.83
C ARG A 29 5.56 16.40 7.30
N VAL A 30 5.27 15.89 8.48
CA VAL A 30 3.96 15.95 9.09
C VAL A 30 3.63 17.35 9.61
N LYS A 31 4.49 18.33 9.33
CA LYS A 31 4.27 19.65 9.92
C LYS A 31 3.16 20.43 9.24
N ASP A 32 2.26 20.94 10.06
CA ASP A 32 1.20 21.84 9.61
C ASP A 32 1.77 23.23 9.33
N VAL A 33 1.68 23.68 8.08
CA VAL A 33 2.29 24.97 7.75
C VAL A 33 1.27 25.96 7.20
N GLY A 34 0.00 25.71 7.48
CA GLY A 34 -1.07 26.57 7.01
C GLY A 34 -2.14 25.81 6.25
N MET A 35 -3.16 26.51 5.74
CA MET A 35 -4.22 25.86 4.98
C MET A 35 -4.09 26.11 3.49
N GLY A 36 -4.42 25.10 2.69
CA GLY A 36 -4.32 25.17 1.25
C GLY A 36 -5.59 25.73 0.63
N LYS A 37 -5.52 26.12 -0.65
CA LYS A 37 -6.70 26.70 -1.29
C LYS A 37 -7.60 25.63 -1.87
N ASP A 38 -8.29 24.90 -0.99
CA ASP A 38 -9.20 23.84 -1.39
C ASP A 38 -9.75 23.10 -0.17
N GLY A 39 -9.23 23.46 1.01
CA GLY A 39 -9.65 22.82 2.25
C GLY A 39 -8.61 21.87 2.79
N THR A 40 -8.27 20.82 2.04
CA THR A 40 -7.29 19.85 2.48
C THR A 40 -5.99 20.54 2.89
N PRO A 41 -5.80 20.64 4.20
CA PRO A 41 -4.69 21.41 4.79
C PRO A 41 -3.35 21.15 4.13
N THR A 42 -2.46 22.13 4.27
CA THR A 42 -1.10 22.05 3.74
C THR A 42 -0.11 21.69 4.85
N LYS A 43 0.57 20.56 4.66
CA LYS A 43 1.65 20.18 5.56
C LYS A 43 2.98 20.46 4.87
N ALA A 44 4.03 20.62 5.65
CA ALA A 44 5.37 20.92 5.15
C ALA A 44 5.75 20.09 3.93
N ALA A 45 5.36 18.82 3.89
CA ALA A 45 5.75 18.00 2.73
C ALA A 45 4.99 18.50 1.50
N ASP A 46 3.77 18.95 1.73
CA ASP A 46 2.95 19.57 0.70
C ASP A 46 3.65 20.82 0.16
N ARG A 47 3.77 21.79 1.06
CA ARG A 47 4.41 23.06 0.75
C ARG A 47 5.76 22.82 0.07
N VAL A 48 6.58 21.93 0.64
CA VAL A 48 7.89 21.69 0.07
C VAL A 48 7.82 21.26 -1.39
N ALA A 49 6.90 20.37 -1.72
CA ALA A 49 6.80 19.80 -3.06
C ALA A 49 6.03 20.70 -4.02
N GLU A 50 5.01 21.42 -3.54
CA GLU A 50 4.38 22.35 -4.48
C GLU A 50 5.39 23.39 -4.95
N ASP A 51 6.03 24.02 -3.98
CA ASP A 51 7.09 25.00 -4.17
C ASP A 51 8.03 24.53 -5.27
N ALA A 52 8.66 23.37 -5.04
CA ALA A 52 9.56 22.82 -6.05
C ALA A 52 8.86 22.70 -7.40
N ALA A 53 7.67 22.11 -7.41
CA ALA A 53 6.89 21.92 -8.64
C ALA A 53 6.59 23.25 -9.33
N LEU A 54 5.97 24.16 -8.59
CA LEU A 54 5.58 25.46 -9.11
C LEU A 54 6.75 26.22 -9.72
N GLU A 55 7.88 26.20 -9.03
CA GLU A 55 9.09 26.87 -9.47
C GLU A 55 9.46 26.54 -10.90
N ILE A 56 9.06 25.38 -11.43
CA ILE A 56 9.43 24.99 -12.79
C ILE A 56 8.31 25.31 -13.77
N LEU A 57 7.09 24.87 -13.48
CA LEU A 57 5.95 25.14 -14.35
C LEU A 57 5.82 26.63 -14.69
N ARG A 58 5.81 27.47 -13.67
CA ARG A 58 5.54 28.89 -13.83
C ARG A 58 6.36 29.58 -14.90
N LYS A 59 7.52 29.06 -15.30
CA LYS A 59 8.27 29.75 -16.36
C LYS A 59 7.96 29.16 -17.73
N GLU A 60 6.75 28.62 -17.86
CA GLU A 60 6.18 28.07 -19.09
C GLU A 60 4.85 28.75 -19.38
N ARG A 61 4.39 28.84 -20.63
CA ARG A 61 3.16 29.60 -20.85
C ARG A 61 1.93 28.73 -20.63
N VAL A 62 1.62 28.44 -19.38
CA VAL A 62 0.53 27.54 -19.05
C VAL A 62 -0.27 28.01 -17.83
N THR A 63 -1.51 27.53 -17.77
CA THR A 63 -2.33 27.77 -16.59
C THR A 63 -2.33 26.49 -15.74
N VAL A 64 -1.94 26.64 -14.49
CA VAL A 64 -1.73 25.53 -13.59
C VAL A 64 -2.85 25.36 -12.58
N VAL A 65 -3.40 24.15 -12.52
CA VAL A 65 -4.40 23.89 -11.47
C VAL A 65 -3.79 22.95 -10.43
N THR A 66 -3.42 23.55 -9.31
CA THR A 66 -2.68 22.84 -8.27
C THR A 66 -3.52 22.80 -6.99
N GLU A 67 -3.13 21.96 -6.04
CA GLU A 67 -3.96 21.79 -4.85
C GLU A 67 -3.95 23.00 -3.93
N GLU A 68 -2.76 23.47 -3.56
CA GLU A 68 -2.71 24.56 -2.59
C GLU A 68 -2.95 25.93 -3.20
N SER A 69 -2.26 26.29 -4.27
CA SER A 69 -2.34 27.65 -4.80
C SER A 69 -3.45 27.86 -5.81
N GLY A 70 -4.49 27.04 -5.80
CA GLY A 70 -5.59 27.20 -6.75
C GLY A 70 -5.10 27.27 -8.18
N VAL A 71 -5.59 28.25 -8.94
CA VAL A 71 -5.17 28.44 -10.33
C VAL A 71 -4.10 29.49 -10.49
N LEU A 72 -3.13 29.26 -11.37
CA LEU A 72 -2.03 30.19 -11.54
C LEU A 72 -1.56 30.26 -12.99
N GLY A 73 -1.05 31.43 -13.37
CA GLY A 73 -0.47 31.69 -14.65
C GLY A 73 -1.46 31.95 -15.77
N GLU A 74 -0.93 31.92 -17.00
CA GLU A 74 -1.75 32.11 -18.19
C GLU A 74 -1.30 31.14 -19.27
N GLY A 75 -2.10 31.00 -20.32
CA GLY A 75 -1.72 30.04 -21.36
C GLY A 75 -2.91 29.20 -21.77
N ASP A 76 -2.99 28.93 -23.07
CA ASP A 76 -4.09 28.13 -23.61
C ASP A 76 -3.92 26.68 -23.13
N VAL A 77 -2.69 26.34 -22.77
CA VAL A 77 -2.36 25.03 -22.25
C VAL A 77 -2.63 24.94 -20.74
N PHE A 78 -3.30 23.86 -20.33
CA PHE A 78 -3.61 23.67 -18.92
C PHE A 78 -2.84 22.50 -18.32
N VAL A 79 -2.56 22.60 -17.03
CA VAL A 79 -1.78 21.59 -16.32
C VAL A 79 -2.43 21.26 -14.99
N ALA A 80 -2.97 20.06 -14.86
CA ALA A 80 -3.55 19.70 -13.55
C ALA A 80 -2.41 19.10 -12.74
N LEU A 81 -2.24 19.57 -11.51
CA LEU A 81 -1.05 19.19 -10.75
C LEU A 81 -1.33 18.79 -9.32
N ASP A 82 -0.97 17.56 -8.98
CA ASP A 82 -0.91 17.07 -7.61
C ASP A 82 0.56 16.87 -7.26
N PRO A 83 1.14 17.83 -6.56
CA PRO A 83 2.57 17.83 -6.29
C PRO A 83 2.96 16.73 -5.30
N LEU A 84 2.00 16.27 -4.50
CA LEU A 84 2.28 15.16 -3.61
C LEU A 84 1.05 14.32 -3.33
N ASP A 85 0.80 13.27 -4.13
CA ASP A 85 -0.37 12.44 -3.83
C ASP A 85 -0.04 11.26 -2.91
N GLY A 86 -0.66 11.25 -1.73
CA GLY A 86 -0.41 10.21 -0.75
C GLY A 86 0.35 10.76 0.43
N THR A 87 0.06 12.02 0.72
CA THR A 87 0.68 12.76 1.81
C THR A 87 0.72 11.96 3.10
N PHE A 88 -0.41 11.41 3.52
CA PHE A 88 -0.48 10.59 4.73
C PHE A 88 0.61 9.54 4.72
N ASN A 89 0.79 8.90 3.56
CA ASN A 89 1.84 7.91 3.42
C ASN A 89 3.20 8.59 3.58
N ALA A 90 3.48 9.59 2.76
CA ALA A 90 4.74 10.32 2.79
C ALA A 90 5.13 10.76 4.20
N THR A 91 4.13 11.03 5.04
CA THR A 91 4.36 11.48 6.40
C THR A 91 4.67 10.34 7.35
N ARG A 92 4.16 9.14 7.06
CA ARG A 92 4.36 7.98 7.91
C ARG A 92 5.46 7.09 7.35
N GLY A 93 5.91 7.37 6.14
CA GLY A 93 6.98 6.58 5.53
C GLY A 93 6.49 5.33 4.81
N ILE A 94 5.23 5.28 4.43
CA ILE A 94 4.63 4.22 3.63
C ILE A 94 4.80 4.54 2.14
N PRO A 95 5.64 3.76 1.49
CA PRO A 95 6.20 4.07 0.17
C PRO A 95 5.21 4.13 -0.97
N VAL A 96 4.03 4.69 -0.75
CA VAL A 96 3.14 4.98 -1.88
C VAL A 96 2.67 6.44 -1.83
N TYR A 97 3.28 7.24 -2.68
CA TYR A 97 2.94 8.66 -2.83
C TYR A 97 3.64 9.19 -4.08
N SER A 98 3.00 10.12 -4.79
CA SER A 98 3.58 10.53 -6.06
C SER A 98 3.34 12.00 -6.41
N VAL A 99 3.90 12.37 -7.54
CA VAL A 99 3.68 13.68 -8.13
C VAL A 99 2.80 13.51 -9.36
N SER A 100 1.58 14.07 -9.36
CA SER A 100 0.73 13.83 -10.52
C SER A 100 0.58 15.09 -11.38
N LEU A 101 0.72 14.93 -12.69
CA LEU A 101 0.71 15.96 -13.70
C LEU A 101 -0.06 15.59 -14.96
N CYS A 102 -1.05 16.40 -15.34
CA CYS A 102 -1.76 16.21 -16.59
C CYS A 102 -1.84 17.51 -17.39
N PHE A 103 -1.41 17.42 -18.64
CA PHE A 103 -1.40 18.60 -19.51
C PHE A 103 -2.48 18.49 -20.56
N SER A 104 -3.14 19.62 -20.83
CA SER A 104 -4.15 19.61 -21.89
C SER A 104 -4.17 20.94 -22.64
N TYR A 105 -4.48 20.86 -23.92
CA TYR A 105 -4.63 21.99 -24.82
C TYR A 105 -5.89 22.80 -24.55
N SER A 106 -6.59 22.48 -23.49
CA SER A 106 -7.82 23.09 -22.99
C SER A 106 -7.95 22.85 -21.49
N ASP A 107 -8.98 23.45 -20.88
CA ASP A 107 -9.28 23.24 -19.48
C ASP A 107 -10.14 21.98 -19.33
N LYS A 108 -10.30 21.29 -20.46
CA LYS A 108 -11.13 20.10 -20.56
C LYS A 108 -10.27 18.84 -20.53
N LEU A 109 -10.66 17.86 -19.72
CA LEU A 109 -9.88 16.63 -19.61
C LEU A 109 -9.66 16.03 -20.99
N LYS A 110 -10.74 16.03 -21.78
CA LYS A 110 -10.73 15.46 -23.12
C LYS A 110 -9.61 15.99 -24.00
N ASP A 111 -9.06 17.17 -23.70
CA ASP A 111 -7.97 17.69 -24.53
C ASP A 111 -6.62 17.44 -23.89
N ALA A 112 -6.51 16.43 -23.02
CA ALA A 112 -5.24 16.12 -22.39
C ALA A 112 -4.27 15.53 -23.40
N PHE A 113 -3.00 15.93 -23.38
CA PHE A 113 -2.08 15.39 -24.38
C PHE A 113 -0.86 14.71 -23.75
N PHE A 114 -0.78 14.69 -22.43
CA PHE A 114 0.31 14.05 -21.72
C PHE A 114 -0.11 13.77 -20.28
N GLY A 115 0.35 12.66 -19.70
CA GLY A 115 0.01 12.34 -18.32
C GLY A 115 1.22 11.86 -17.56
N TYR A 116 1.29 12.03 -16.25
CA TYR A 116 2.56 11.66 -15.60
C TYR A 116 2.40 11.46 -14.10
N VAL A 117 2.85 10.30 -13.65
CA VAL A 117 2.84 9.90 -12.26
C VAL A 117 4.20 9.34 -11.85
N TYR A 118 4.73 9.88 -10.75
CA TYR A 118 6.04 9.47 -10.25
C TYR A 118 5.95 9.10 -8.78
N ASN A 119 6.21 7.82 -8.51
CA ASN A 119 6.29 7.35 -7.14
C ASN A 119 7.46 8.02 -6.44
N LEU A 120 7.23 8.98 -5.56
CA LEU A 120 8.38 9.65 -4.93
C LEU A 120 9.11 8.71 -3.98
N ALA A 121 8.53 7.54 -3.69
CA ALA A 121 9.10 6.60 -2.73
C ALA A 121 10.06 5.63 -3.41
N THR A 122 9.72 5.19 -4.60
CA THR A 122 10.53 4.19 -5.29
C THR A 122 11.14 4.72 -6.58
N GLY A 123 10.86 5.98 -6.91
CA GLY A 123 11.39 6.56 -8.13
C GLY A 123 10.86 5.79 -9.34
N ASP A 124 9.68 5.21 -9.17
CA ASP A 124 8.97 4.52 -10.23
C ASP A 124 8.20 5.52 -11.09
N GLU A 125 8.35 5.42 -12.41
CA GLU A 125 7.78 6.42 -13.27
C GLU A 125 6.69 5.87 -14.19
N TYR A 126 5.54 6.53 -14.16
CA TYR A 126 4.44 6.29 -15.08
C TYR A 126 4.15 7.50 -15.95
N TYR A 127 4.04 7.33 -17.27
CA TYR A 127 3.58 8.45 -18.10
C TYR A 127 2.88 7.96 -19.36
N ALA A 128 2.27 8.89 -20.08
CA ALA A 128 1.48 8.52 -21.25
C ALA A 128 1.41 9.64 -22.26
N ASP A 129 1.84 9.35 -23.49
CA ASP A 129 1.76 10.38 -24.53
C ASP A 129 0.93 9.85 -25.69
N SER A 130 1.36 10.14 -26.92
CA SER A 130 0.67 9.65 -28.11
C SER A 130 1.16 8.26 -28.47
N SER A 131 2.38 7.92 -28.05
CA SER A 131 3.00 6.65 -28.37
C SER A 131 2.45 5.50 -27.53
N GLY A 132 2.01 5.81 -26.31
CA GLY A 132 1.43 4.83 -25.41
C GLY A 132 1.77 5.08 -23.95
N ALA A 133 1.21 4.27 -23.06
CA ALA A 133 1.55 4.32 -21.63
C ALA A 133 2.79 3.49 -21.37
N TYR A 134 3.60 3.94 -20.41
CA TYR A 134 4.84 3.28 -20.02
C TYR A 134 5.06 3.36 -18.51
N ARG A 135 5.79 2.38 -18.00
CA ARG A 135 6.22 2.23 -16.62
C ARG A 135 7.73 1.99 -16.58
N ASN A 136 8.47 2.91 -15.99
CA ASN A 136 9.93 2.85 -15.97
C ASN A 136 10.51 2.57 -17.35
N GLY A 137 9.91 3.12 -18.39
CA GLY A 137 10.49 2.99 -19.73
C GLY A 137 10.00 1.76 -20.44
N GLU A 138 8.92 1.18 -19.94
CA GLU A 138 8.35 -0.01 -20.57
C GLU A 138 6.84 0.17 -20.81
N ARG A 139 6.33 -0.41 -21.88
CA ARG A 139 4.96 -0.33 -22.31
C ARG A 139 4.04 -1.23 -21.50
N ILE A 140 3.12 -0.60 -20.77
CA ILE A 140 2.12 -1.28 -19.97
C ILE A 140 0.83 -1.43 -20.78
N GLU A 141 -0.02 -2.33 -20.31
CA GLU A 141 -1.35 -2.58 -20.83
C GLU A 141 -2.24 -2.99 -19.66
N VAL A 142 -3.56 -2.83 -19.81
CA VAL A 142 -4.41 -3.22 -18.67
C VAL A 142 -4.54 -4.73 -18.63
N SER A 143 -5.23 -5.27 -17.65
CA SER A 143 -5.35 -6.73 -17.50
C SER A 143 -6.58 -7.21 -18.28
N ASP A 144 -6.98 -8.48 -18.14
CA ASP A 144 -7.99 -8.91 -19.11
C ASP A 144 -8.95 -9.99 -18.69
N ALA A 145 -9.38 -10.19 -17.44
CA ALA A 145 -10.39 -11.26 -17.34
C ALA A 145 -11.69 -10.71 -16.78
N GLU A 146 -12.79 -10.97 -17.48
CA GLU A 146 -14.08 -10.37 -17.12
C GLU A 146 -14.67 -10.95 -15.85
N GLU A 147 -13.95 -11.86 -15.20
CA GLU A 147 -14.55 -12.47 -14.00
C GLU A 147 -14.51 -11.48 -12.84
N LEU A 148 -15.66 -11.24 -12.21
CA LEU A 148 -15.75 -10.40 -11.03
C LEU A 148 -14.77 -10.81 -9.94
N TYR A 149 -14.49 -12.11 -9.92
CA TYR A 149 -13.48 -12.68 -9.03
C TYR A 149 -12.10 -12.25 -9.54
N CYS A 150 -11.83 -10.96 -9.35
CA CYS A 150 -10.65 -10.27 -9.81
C CYS A 150 -9.97 -9.49 -8.69
N ASN A 151 -8.88 -8.82 -9.03
CA ASN A 151 -8.12 -7.95 -8.15
C ASN A 151 -8.51 -6.47 -8.30
N ALA A 152 -9.15 -5.92 -7.28
CA ALA A 152 -9.70 -4.58 -7.26
C ALA A 152 -9.05 -3.58 -6.31
N ILE A 153 -9.01 -2.32 -6.74
CA ILE A 153 -8.78 -1.21 -5.83
C ILE A 153 -10.12 -0.51 -5.62
N ILE A 154 -10.66 -0.48 -4.40
CA ILE A 154 -11.96 0.19 -4.31
C ILE A 154 -12.09 1.06 -3.06
N TYR A 155 -12.43 2.33 -3.30
CA TYR A 155 -12.77 3.29 -2.26
C TYR A 155 -14.29 3.47 -2.25
N TYR A 156 -15.02 2.86 -1.35
CA TYR A 156 -14.72 1.93 -0.30
C TYR A 156 -15.70 0.76 -0.39
N PRO A 157 -15.39 -0.40 0.16
CA PRO A 157 -16.36 -1.52 0.15
C PRO A 157 -17.45 -1.27 1.18
N ASP A 158 -18.68 -1.09 0.71
CA ASP A 158 -19.80 -0.76 1.58
C ASP A 158 -20.74 -1.95 1.74
N ARG A 159 -20.61 -2.88 0.81
CA ARG A 159 -21.42 -4.09 0.72
C ARG A 159 -20.53 -5.32 0.55
N LYS A 160 -21.06 -6.39 -0.02
CA LYS A 160 -20.30 -7.62 -0.23
C LYS A 160 -20.05 -7.91 -1.70
N PHE A 161 -18.79 -8.09 -2.06
CA PHE A 161 -18.37 -8.22 -3.45
C PHE A 161 -17.84 -9.61 -3.77
N PRO A 162 -17.82 -9.94 -5.05
CA PRO A 162 -17.23 -11.19 -5.54
C PRO A 162 -15.80 -10.99 -6.02
N PHE A 163 -15.04 -10.14 -5.32
CA PHE A 163 -13.66 -9.88 -5.70
C PHE A 163 -12.72 -10.88 -5.03
N LYS A 164 -11.71 -11.31 -5.79
CA LYS A 164 -10.68 -12.19 -5.23
C LYS A 164 -9.83 -11.45 -4.21
N ARG A 165 -9.58 -10.17 -4.47
CA ARG A 165 -8.72 -9.34 -3.63
C ARG A 165 -9.14 -7.87 -3.65
N MET A 166 -9.09 -7.22 -2.50
CA MET A 166 -9.42 -5.81 -2.38
C MET A 166 -8.32 -5.05 -1.65
N ARG A 167 -7.71 -4.09 -2.34
CA ARG A 167 -6.66 -3.24 -1.79
C ARG A 167 -6.97 -1.76 -2.01
N ILE A 168 -6.65 -0.96 -1.04
CA ILE A 168 -6.74 0.48 -0.86
C ILE A 168 -5.42 1.04 -0.34
N PHE A 169 -4.62 1.70 -1.19
CA PHE A 169 -3.27 2.11 -0.87
C PHE A 169 -3.11 3.60 -0.64
N GLY A 170 -4.19 4.36 -0.69
CA GLY A 170 -4.23 5.77 -0.37
C GLY A 170 -3.51 6.73 -1.29
N SER A 171 -3.47 6.48 -2.59
CA SER A 171 -2.90 7.45 -3.53
C SER A 171 -3.47 7.16 -4.92
N ALA A 172 -4.64 7.75 -5.19
CA ALA A 172 -5.46 7.45 -6.35
C ALA A 172 -4.70 7.61 -7.65
N ALA A 173 -3.78 8.57 -7.66
CA ALA A 173 -2.98 8.78 -8.86
C ALA A 173 -2.18 7.52 -9.17
N THR A 174 -1.45 7.03 -8.16
CA THR A 174 -0.60 5.86 -8.33
C THR A 174 -1.46 4.61 -8.48
N GLU A 175 -2.45 4.50 -7.60
CA GLU A 175 -3.39 3.38 -7.71
C GLU A 175 -3.98 3.29 -9.11
N LEU A 176 -4.37 4.42 -9.72
CA LEU A 176 -4.95 4.31 -11.06
C LEU A 176 -3.91 3.78 -12.03
N CYS A 177 -2.63 3.97 -11.69
CA CYS A 177 -1.53 3.43 -12.47
C CYS A 177 -1.32 1.96 -12.12
N PHE A 178 -1.63 1.62 -10.87
CA PHE A 178 -1.58 0.21 -10.50
C PHE A 178 -2.56 -0.59 -11.36
N PHE A 179 -3.73 -0.02 -11.56
CA PHE A 179 -4.75 -0.55 -12.45
C PHE A 179 -4.29 -0.54 -13.90
N ALA A 180 -3.56 0.50 -14.28
CA ALA A 180 -3.21 0.72 -15.68
C ALA A 180 -2.08 -0.19 -16.12
N ASP A 181 -1.39 -0.73 -15.14
CA ASP A 181 -0.24 -1.59 -15.10
C ASP A 181 -0.55 -3.03 -15.52
N GLY A 182 -1.55 -3.57 -14.84
CA GLY A 182 -2.00 -4.95 -14.91
C GLY A 182 -2.08 -5.49 -13.48
N SER A 183 -1.40 -4.79 -12.59
CA SER A 183 -1.31 -5.21 -11.19
C SER A 183 -2.70 -5.43 -10.61
N PHE A 184 -3.59 -4.48 -10.84
CA PHE A 184 -4.97 -4.64 -10.40
C PHE A 184 -5.90 -4.63 -11.61
N ASP A 185 -7.00 -5.34 -11.45
CA ASP A 185 -7.97 -5.64 -12.49
C ASP A 185 -8.96 -4.51 -12.71
N CYS A 186 -9.23 -3.75 -11.65
CA CYS A 186 -10.19 -2.65 -11.78
C CYS A 186 -9.94 -1.54 -10.76
N PHE A 187 -10.18 -0.28 -11.14
CA PHE A 187 -10.16 0.81 -10.18
C PHE A 187 -11.59 1.32 -9.97
N LEU A 188 -11.92 1.66 -8.73
CA LEU A 188 -13.26 2.17 -8.46
C LEU A 188 -13.29 3.16 -7.32
N ASP A 189 -13.76 4.36 -7.60
CA ASP A 189 -14.03 5.39 -6.60
C ASP A 189 -15.50 5.81 -6.67
N ILE A 190 -16.35 5.00 -6.08
CA ILE A 190 -17.80 5.11 -6.08
C ILE A 190 -18.31 5.81 -4.83
N ARG A 191 -17.40 6.40 -4.07
CA ARG A 191 -17.82 7.11 -2.87
C ARG A 191 -18.91 8.14 -3.21
N PRO A 192 -20.02 8.07 -2.50
CA PRO A 192 -21.18 8.92 -2.74
C PRO A 192 -20.86 10.40 -2.48
N GLY A 193 -20.32 10.64 -1.30
CA GLY A 193 -19.86 11.97 -0.91
C GLY A 193 -18.52 12.28 -1.56
N LYS A 194 -18.49 12.20 -2.87
CA LYS A 194 -17.42 12.45 -3.81
C LYS A 194 -16.27 13.27 -3.22
N MET A 195 -15.04 12.82 -3.43
CA MET A 195 -13.87 13.53 -2.90
C MET A 195 -12.69 13.48 -3.86
N LEU A 196 -12.89 12.98 -5.08
CA LEU A 196 -11.74 13.03 -5.98
C LEU A 196 -11.73 14.37 -6.74
N ARG A 197 -10.55 14.98 -6.80
CA ARG A 197 -10.40 16.23 -7.52
C ARG A 197 -9.69 15.96 -8.84
N ILE A 198 -9.77 16.91 -9.75
CA ILE A 198 -9.23 16.78 -11.09
C ILE A 198 -7.76 16.42 -11.09
N TYR A 199 -7.03 16.84 -10.05
CA TYR A 199 -5.57 16.72 -10.17
C TYR A 199 -5.09 15.37 -9.67
N ASP A 200 -5.81 14.84 -8.69
CA ASP A 200 -5.49 13.50 -8.19
C ASP A 200 -5.79 12.45 -9.25
N ALA A 201 -6.70 12.75 -10.19
CA ALA A 201 -7.09 11.70 -11.12
C ALA A 201 -6.84 11.97 -12.58
N ALA A 202 -6.63 13.20 -13.03
CA ALA A 202 -6.62 13.40 -14.49
C ALA A 202 -5.44 12.69 -15.15
N ALA A 203 -4.32 12.61 -14.46
CA ALA A 203 -3.14 11.92 -14.95
C ALA A 203 -3.37 10.42 -15.05
N GLY A 204 -3.78 9.81 -13.94
CA GLY A 204 -4.07 8.39 -13.89
C GLY A 204 -5.08 8.03 -14.98
N VAL A 205 -6.21 8.72 -14.93
CA VAL A 205 -7.28 8.60 -15.90
C VAL A 205 -6.71 8.58 -17.30
N PHE A 206 -5.80 9.52 -17.56
CA PHE A 206 -5.22 9.60 -18.89
C PHE A 206 -4.23 8.48 -19.17
N ILE A 207 -3.51 7.99 -18.15
CA ILE A 207 -2.52 6.95 -18.43
C ILE A 207 -3.22 5.60 -18.59
N ALA A 208 -4.27 5.42 -17.80
CA ALA A 208 -5.08 4.21 -17.87
C ALA A 208 -5.74 4.11 -19.25
N GLU A 209 -6.43 5.16 -19.69
CA GLU A 209 -7.07 5.11 -21.00
C GLU A 209 -6.05 4.76 -22.08
N LYS A 210 -4.84 5.32 -22.02
CA LYS A 210 -3.90 4.93 -23.07
C LYS A 210 -3.38 3.51 -22.82
N ALA A 211 -3.66 3.01 -21.62
CA ALA A 211 -3.25 1.69 -21.17
C ALA A 211 -4.19 0.62 -21.73
N GLY A 212 -5.34 1.05 -22.21
CA GLY A 212 -6.38 0.21 -22.77
C GLY A 212 -7.60 0.21 -21.86
N GLY A 213 -7.55 1.05 -20.84
CA GLY A 213 -8.56 1.08 -19.81
C GLY A 213 -9.81 1.86 -20.20
N LYS A 214 -10.86 1.61 -19.45
CA LYS A 214 -12.12 2.31 -19.64
C LYS A 214 -12.51 2.97 -18.32
N VAL A 215 -12.25 4.27 -18.27
CA VAL A 215 -12.63 5.03 -17.09
C VAL A 215 -13.82 5.91 -17.44
N THR A 216 -14.86 5.82 -16.62
CA THR A 216 -16.04 6.63 -16.80
C THR A 216 -16.51 7.08 -15.43
N GLU A 217 -17.47 7.99 -15.38
CA GLU A 217 -18.05 8.34 -14.07
C GLU A 217 -18.96 7.19 -13.66
N LEU A 218 -19.41 7.19 -12.41
CA LEU A 218 -20.23 6.17 -11.79
C LEU A 218 -21.25 5.55 -12.74
N ASP A 219 -21.85 6.40 -13.54
CA ASP A 219 -22.92 6.16 -14.48
C ASP A 219 -22.44 5.79 -15.88
N GLY A 220 -21.14 5.55 -16.03
CA GLY A 220 -20.63 5.11 -17.32
C GLY A 220 -20.39 6.26 -18.27
N GLU A 221 -20.71 7.47 -17.81
CA GLU A 221 -20.42 8.67 -18.60
C GLU A 221 -18.93 8.97 -18.60
N SER A 222 -18.39 9.22 -19.78
CA SER A 222 -16.99 9.58 -19.97
C SER A 222 -16.59 10.75 -19.09
N LEU A 223 -15.27 10.88 -18.86
CA LEU A 223 -14.76 11.96 -18.03
C LEU A 223 -14.19 13.07 -18.91
N GLY A 224 -14.40 12.89 -20.21
CA GLY A 224 -13.98 13.76 -21.28
C GLY A 224 -14.17 15.23 -20.97
N ASN A 225 -15.42 15.68 -20.90
CA ASN A 225 -15.67 17.08 -20.59
C ASN A 225 -15.54 17.38 -19.11
N LYS A 226 -14.45 16.92 -18.50
CA LYS A 226 -14.17 17.23 -17.10
C LYS A 226 -13.21 18.42 -17.02
N LYS A 227 -13.56 19.39 -16.19
CA LYS A 227 -12.87 20.68 -16.11
C LYS A 227 -11.69 20.67 -15.14
N PHE A 228 -10.71 21.51 -15.43
CA PHE A 228 -9.52 21.70 -14.62
C PHE A 228 -9.68 22.87 -13.65
N ASP A 229 -10.33 22.65 -12.52
CA ASP A 229 -10.49 23.69 -11.49
C ASP A 229 -10.77 23.04 -10.14
N MET A 230 -10.66 23.80 -9.05
CA MET A 230 -10.74 23.25 -7.70
C MET A 230 -12.17 22.97 -7.25
N GLN A 231 -13.06 22.84 -8.21
CA GLN A 231 -14.46 22.54 -7.94
C GLN A 231 -14.81 21.13 -8.40
N GLU A 232 -14.16 20.66 -9.47
CA GLU A 232 -14.52 19.31 -9.92
C GLU A 232 -14.23 18.28 -8.82
N ARG A 233 -15.15 17.34 -8.74
CA ARG A 233 -15.19 16.18 -7.87
C ARG A 233 -15.55 14.95 -8.70
N LEU A 234 -14.81 13.85 -8.54
CA LEU A 234 -15.08 12.67 -9.36
C LEU A 234 -15.45 11.43 -8.57
N ASN A 235 -16.16 10.58 -9.27
CA ASN A 235 -16.36 9.17 -8.99
C ASN A 235 -15.79 8.41 -10.19
N ILE A 236 -15.12 7.30 -9.96
CA ILE A 236 -14.44 6.59 -11.04
C ILE A 236 -14.70 5.08 -10.97
N VAL A 237 -14.83 4.51 -12.16
CA VAL A 237 -14.96 3.09 -12.41
C VAL A 237 -14.06 2.72 -13.59
N ALA A 238 -12.91 2.12 -13.32
CA ALA A 238 -12.01 1.84 -14.44
C ALA A 238 -11.75 0.34 -14.55
N ALA A 239 -11.64 -0.13 -15.79
CA ALA A 239 -11.42 -1.54 -16.08
C ALA A 239 -11.28 -1.76 -17.58
N ASN A 240 -10.96 -3.00 -17.96
CA ASN A 240 -11.00 -3.31 -19.39
C ASN A 240 -12.44 -3.16 -19.86
N GLU A 241 -12.64 -3.05 -21.17
CA GLU A 241 -13.97 -2.97 -21.74
C GLU A 241 -14.88 -4.09 -21.24
N LYS A 242 -14.40 -5.33 -21.31
CA LYS A 242 -15.22 -6.48 -20.95
C LYS A 242 -15.75 -6.43 -19.53
N LEU A 243 -14.91 -6.19 -18.53
CA LEU A 243 -15.38 -6.23 -17.15
C LEU A 243 -16.02 -4.92 -16.70
N HIS A 244 -15.85 -3.86 -17.50
CA HIS A 244 -16.45 -2.59 -17.09
C HIS A 244 -17.97 -2.69 -16.91
N PRO A 245 -18.72 -3.16 -17.89
CA PRO A 245 -20.19 -3.27 -17.75
C PRO A 245 -20.60 -3.99 -16.47
N LYS A 246 -19.94 -5.12 -16.25
CA LYS A 246 -20.11 -5.96 -15.08
C LYS A 246 -20.02 -5.14 -13.80
N LEU A 247 -18.96 -4.35 -13.71
CA LEU A 247 -18.76 -3.56 -12.48
C LEU A 247 -19.86 -2.52 -12.34
N LEU A 248 -20.30 -1.95 -13.47
CA LEU A 248 -21.39 -0.99 -13.38
C LEU A 248 -22.60 -1.62 -12.70
N GLU A 249 -23.02 -2.76 -13.23
CA GLU A 249 -24.15 -3.50 -12.69
C GLU A 249 -23.88 -3.90 -11.24
N LEU A 250 -22.67 -4.39 -11.01
CA LEU A 250 -22.28 -4.80 -9.67
C LEU A 250 -22.55 -3.66 -8.69
N ILE A 251 -22.02 -2.48 -9.03
CA ILE A 251 -22.20 -1.35 -8.13
C ILE A 251 -23.44 -0.55 -8.53
N LYS A 252 -24.19 -1.11 -9.47
CA LYS A 252 -25.41 -0.49 -9.98
C LYS A 252 -26.41 -0.21 -8.86
N MET B 1 19.08 -19.69 23.90
CA MET B 1 19.23 -18.74 22.81
C MET B 1 18.61 -17.39 23.18
N ASP B 2 19.45 -16.37 23.16
CA ASP B 2 19.11 -15.02 23.54
C ASP B 2 18.21 -14.33 22.52
N GLU B 3 17.64 -13.19 22.92
CA GLU B 3 16.94 -12.34 21.97
C GLU B 3 17.99 -11.79 21.00
N ARG B 4 19.16 -11.49 21.57
CA ARG B 4 20.31 -11.03 20.79
C ARG B 4 20.72 -12.10 19.79
N ASP B 5 20.37 -13.36 20.09
CA ASP B 5 20.64 -14.41 19.10
C ASP B 5 19.63 -14.31 17.97
N ALA B 6 18.37 -14.18 18.38
CA ALA B 6 17.23 -14.08 17.46
C ALA B 6 17.37 -12.86 16.55
N LEU B 7 17.82 -11.75 17.10
CA LEU B 7 18.01 -10.52 16.34
C LEU B 7 19.13 -10.70 15.31
N ARG B 8 20.29 -11.08 15.80
CA ARG B 8 21.46 -11.38 14.97
C ARG B 8 21.05 -12.34 13.86
N ILE B 9 20.39 -13.43 14.25
CA ILE B 9 19.91 -14.39 13.27
C ILE B 9 18.94 -13.71 12.30
N SER B 10 17.95 -13.02 12.87
CA SER B 10 16.96 -12.35 12.03
C SER B 10 17.61 -11.36 11.08
N ARG B 11 18.61 -10.61 11.53
CA ARG B 11 19.21 -9.63 10.62
C ARG B 11 19.84 -10.29 9.40
N GLU B 12 20.17 -11.57 9.47
CA GLU B 12 20.89 -12.23 8.38
C GLU B 12 19.95 -12.70 7.27
N ILE B 13 18.81 -13.22 7.72
CA ILE B 13 17.78 -13.71 6.81
C ILE B 13 17.27 -12.57 5.94
N ALA B 14 16.79 -11.51 6.56
CA ALA B 14 16.27 -10.34 5.85
C ALA B 14 17.19 -9.91 4.71
N GLY B 15 18.48 -9.70 5.02
CA GLY B 15 19.44 -9.34 3.99
C GLY B 15 19.62 -10.43 2.94
N GLU B 16 19.82 -11.66 3.38
CA GLU B 16 19.97 -12.76 2.42
C GLU B 16 18.76 -12.80 1.49
N VAL B 17 17.59 -12.77 2.12
CA VAL B 17 16.34 -12.87 1.39
C VAL B 17 16.15 -11.67 0.46
N ARG B 18 16.30 -10.47 1.00
CA ARG B 18 16.23 -9.20 0.30
C ARG B 18 16.95 -9.20 -1.04
N LYS B 19 18.23 -9.55 -1.05
CA LYS B 19 18.97 -9.51 -2.31
C LYS B 19 18.65 -10.71 -3.18
N ALA B 20 18.11 -11.78 -2.58
CA ALA B 20 17.67 -12.91 -3.40
C ALA B 20 16.43 -12.50 -4.19
N ILE B 21 15.52 -11.80 -3.49
CA ILE B 21 14.35 -11.29 -4.16
C ILE B 21 14.70 -10.10 -5.07
N ALA B 22 15.42 -9.13 -4.52
CA ALA B 22 15.85 -7.94 -5.24
C ALA B 22 16.39 -8.27 -6.62
N SER B 23 17.30 -9.24 -6.67
CA SER B 23 17.87 -9.69 -7.92
C SER B 23 16.81 -10.31 -8.84
N MET B 24 15.67 -10.68 -8.27
CA MET B 24 14.64 -11.37 -9.04
C MET B 24 13.70 -10.40 -9.77
N PRO B 25 13.60 -10.67 -11.07
CA PRO B 25 12.73 -9.89 -11.96
C PRO B 25 11.26 -10.18 -11.69
N LEU B 26 10.40 -9.20 -11.89
CA LEU B 26 8.97 -9.42 -11.63
C LEU B 26 8.45 -10.56 -12.51
N ARG B 27 8.99 -10.68 -13.71
CA ARG B 27 8.58 -11.73 -14.65
C ARG B 27 8.96 -13.12 -14.15
N GLU B 28 10.16 -13.25 -13.58
CA GLU B 28 10.59 -14.52 -12.99
C GLU B 28 10.11 -14.66 -11.55
N ARG B 29 9.27 -13.73 -11.10
CA ARG B 29 8.80 -13.72 -9.72
C ARG B 29 7.40 -14.29 -9.59
N VAL B 30 6.57 -14.09 -10.61
CA VAL B 30 5.17 -14.48 -10.53
C VAL B 30 4.90 -15.92 -10.94
N LYS B 31 5.84 -16.58 -11.60
CA LYS B 31 5.61 -17.95 -12.04
C LYS B 31 5.48 -18.90 -10.84
N ASP B 32 4.58 -19.88 -10.99
CA ASP B 32 4.33 -20.86 -9.95
C ASP B 32 5.33 -22.01 -9.98
N VAL B 33 5.77 -22.42 -8.79
CA VAL B 33 6.76 -23.47 -8.65
C VAL B 33 6.17 -24.73 -8.00
N GLY B 34 4.85 -24.74 -7.82
CA GLY B 34 4.24 -25.92 -7.24
C GLY B 34 3.22 -25.54 -6.16
N MET B 35 3.01 -26.47 -5.24
CA MET B 35 2.06 -26.32 -4.15
C MET B 35 2.72 -26.50 -2.78
N GLY B 36 2.91 -25.38 -2.09
CA GLY B 36 3.48 -25.38 -0.75
C GLY B 36 2.65 -26.23 0.19
N LYS B 37 3.22 -26.56 1.34
CA LYS B 37 2.60 -27.44 2.32
C LYS B 37 1.37 -26.86 2.99
N ASP B 38 0.73 -25.81 2.46
CA ASP B 38 -0.44 -25.29 3.19
C ASP B 38 -1.65 -25.17 2.27
N GLY B 39 -1.56 -25.71 1.06
CA GLY B 39 -2.73 -25.70 0.20
C GLY B 39 -2.64 -24.64 -0.89
N THR B 40 -1.97 -23.54 -0.60
CA THR B 40 -1.83 -22.46 -1.57
C THR B 40 -0.66 -22.69 -2.51
N PRO B 41 -0.77 -22.20 -3.74
CA PRO B 41 0.34 -22.39 -4.68
C PRO B 41 1.61 -21.75 -4.13
N THR B 42 2.67 -21.84 -4.93
CA THR B 42 3.95 -21.29 -4.54
C THR B 42 4.60 -20.65 -5.76
N LYS B 43 4.88 -19.36 -5.64
CA LYS B 43 5.58 -18.67 -6.72
C LYS B 43 7.08 -18.91 -6.56
N ALA B 44 7.84 -18.65 -7.62
CA ALA B 44 9.29 -18.73 -7.51
C ALA B 44 9.78 -17.89 -6.32
N ALA B 45 9.39 -16.62 -6.30
CA ALA B 45 9.75 -15.68 -5.25
C ALA B 45 9.59 -16.31 -3.87
N ASP B 46 8.49 -17.04 -3.74
CA ASP B 46 8.19 -17.77 -2.51
C ASP B 46 9.31 -18.74 -2.18
N ARG B 47 9.61 -19.63 -3.13
CA ARG B 47 10.64 -20.64 -2.93
C ARG B 47 11.98 -20.02 -2.52
N VAL B 48 12.51 -19.18 -3.40
CA VAL B 48 13.75 -18.45 -3.25
C VAL B 48 13.85 -17.78 -1.89
N ALA B 49 12.73 -17.20 -1.47
CA ALA B 49 12.68 -16.51 -0.18
C ALA B 49 12.86 -17.47 0.98
N GLU B 50 12.14 -18.58 0.92
CA GLU B 50 12.11 -19.57 1.99
C GLU B 50 13.44 -20.32 2.11
N ASP B 51 14.02 -20.67 0.96
CA ASP B 51 15.31 -21.32 0.95
C ASP B 51 16.37 -20.49 1.66
N ALA B 52 16.54 -19.24 1.25
CA ALA B 52 17.53 -18.38 1.88
C ALA B 52 17.32 -18.32 3.38
N ALA B 53 16.07 -18.34 3.83
CA ALA B 53 15.87 -18.29 5.28
C ALA B 53 16.21 -19.62 5.95
N LEU B 54 15.73 -20.70 5.34
CA LEU B 54 15.98 -22.03 5.88
C LEU B 54 17.47 -22.30 6.01
N GLU B 55 18.25 -22.05 4.98
CA GLU B 55 19.69 -22.32 4.99
C GLU B 55 20.37 -21.72 6.22
N ILE B 56 19.84 -20.63 6.75
CA ILE B 56 20.37 -20.06 7.98
C ILE B 56 19.63 -20.58 9.20
N LEU B 57 18.31 -20.66 9.11
CA LEU B 57 17.54 -21.16 10.26
C LEU B 57 17.92 -22.62 10.54
N ARG B 58 18.31 -23.29 9.48
CA ARG B 58 18.72 -24.67 9.42
C ARG B 58 19.85 -24.99 10.39
N LYS B 59 20.76 -24.03 10.56
CA LYS B 59 21.92 -24.23 11.41
C LYS B 59 21.61 -23.97 12.88
N GLU B 60 20.34 -23.68 13.17
CA GLU B 60 19.96 -23.38 14.55
C GLU B 60 19.07 -24.47 15.12
N ARG B 61 19.27 -24.82 16.40
CA ARG B 61 18.39 -25.84 16.98
C ARG B 61 17.00 -25.26 17.20
N VAL B 62 16.22 -25.22 16.12
CA VAL B 62 14.89 -24.63 16.14
C VAL B 62 13.90 -25.42 15.31
N THR B 63 12.65 -25.54 15.78
CA THR B 63 11.66 -26.11 14.87
C THR B 63 10.92 -24.95 14.20
N VAL B 64 10.86 -25.00 12.87
CA VAL B 64 10.23 -23.97 12.06
C VAL B 64 8.93 -24.42 11.42
N VAL B 65 7.90 -23.60 11.57
CA VAL B 65 6.68 -23.81 10.77
C VAL B 65 6.63 -22.69 9.73
N THR B 66 6.46 -23.07 8.47
CA THR B 66 6.51 -22.15 7.34
C THR B 66 5.59 -22.58 6.20
N GLU B 67 5.08 -21.59 5.48
CA GLU B 67 4.09 -21.77 4.43
C GLU B 67 4.39 -22.91 3.47
N GLU B 68 5.51 -22.87 2.74
CA GLU B 68 5.85 -23.77 1.67
C GLU B 68 6.21 -25.19 2.10
N SER B 69 6.55 -25.45 3.35
CA SER B 69 6.97 -26.81 3.68
C SER B 69 6.80 -27.12 5.16
N GLY B 70 5.59 -26.92 5.65
CA GLY B 70 5.11 -27.15 6.98
C GLY B 70 6.17 -27.09 8.07
N VAL B 71 6.31 -28.19 8.81
CA VAL B 71 7.28 -28.30 9.88
C VAL B 71 8.66 -28.69 9.35
N LEU B 72 9.66 -28.27 10.12
CA LEU B 72 11.07 -28.56 9.92
C LEU B 72 11.83 -28.16 11.18
N GLY B 73 12.85 -28.95 11.54
CA GLY B 73 13.61 -28.65 12.74
C GLY B 73 13.19 -29.56 13.89
N GLU B 74 13.76 -29.34 15.06
CA GLU B 74 13.51 -30.19 16.21
C GLU B 74 13.69 -29.44 17.53
N GLY B 75 14.56 -28.45 17.52
CA GLY B 75 14.97 -27.65 18.64
C GLY B 75 13.88 -27.37 19.66
N ASP B 76 14.27 -26.85 20.82
CA ASP B 76 13.31 -26.52 21.86
C ASP B 76 12.84 -25.08 21.69
N VAL B 77 13.13 -24.54 20.51
CA VAL B 77 12.74 -23.19 20.14
C VAL B 77 12.00 -23.22 18.80
N PHE B 78 10.82 -22.62 18.78
CA PHE B 78 10.01 -22.66 17.58
C PHE B 78 10.04 -21.34 16.81
N VAL B 79 9.95 -21.46 15.48
CA VAL B 79 9.91 -20.27 14.63
C VAL B 79 8.73 -20.34 13.66
N ALA B 80 7.82 -19.40 13.87
CA ALA B 80 6.73 -19.06 12.96
C ALA B 80 7.28 -18.09 11.92
N LEU B 81 7.67 -18.62 10.78
CA LEU B 81 8.33 -17.84 9.75
C LEU B 81 7.53 -17.74 8.46
N ASP B 82 7.65 -16.55 7.87
CA ASP B 82 7.19 -16.22 6.54
C ASP B 82 8.27 -15.49 5.75
N PRO B 83 8.83 -16.21 4.79
CA PRO B 83 9.92 -15.63 4.00
C PRO B 83 9.40 -14.36 3.33
N LEU B 84 8.19 -14.50 2.81
CA LEU B 84 7.57 -13.45 2.00
C LEU B 84 6.08 -13.31 2.23
N ASP B 85 5.70 -12.60 3.27
CA ASP B 85 4.34 -12.13 3.49
C ASP B 85 4.05 -10.91 2.62
N GLY B 86 3.13 -11.03 1.66
CA GLY B 86 2.81 -9.97 0.72
C GLY B 86 3.28 -10.28 -0.68
N THR B 87 3.19 -11.57 -1.01
CA THR B 87 3.73 -12.09 -2.28
C THR B 87 3.01 -11.44 -3.44
N PHE B 88 1.74 -11.05 -3.28
CA PHE B 88 1.10 -10.43 -4.45
C PHE B 88 1.79 -9.13 -4.83
N ASN B 89 2.05 -8.27 -3.84
CA ASN B 89 2.72 -7.00 -4.12
C ASN B 89 4.09 -7.19 -4.73
N ALA B 90 4.92 -8.01 -4.09
CA ALA B 90 6.28 -8.28 -4.55
C ALA B 90 6.31 -8.70 -6.00
N THR B 91 5.29 -9.46 -6.44
CA THR B 91 5.33 -9.88 -7.86
C THR B 91 4.80 -8.76 -8.75
N ARG B 92 4.26 -7.73 -8.11
CA ARG B 92 3.63 -6.59 -8.75
C ARG B 92 4.51 -5.35 -8.78
N GLY B 93 5.57 -5.31 -7.98
CA GLY B 93 6.40 -4.10 -7.95
C GLY B 93 5.91 -3.16 -6.87
N ILE B 94 4.83 -3.58 -6.20
CA ILE B 94 4.29 -2.81 -5.08
C ILE B 94 5.21 -2.98 -3.88
N PRO B 95 5.67 -1.86 -3.34
CA PRO B 95 6.75 -1.86 -2.36
C PRO B 95 6.27 -2.07 -0.94
N VAL B 96 5.36 -3.03 -0.78
CA VAL B 96 4.97 -3.36 0.60
C VAL B 96 4.97 -4.86 0.83
N TYR B 97 6.14 -5.49 0.97
CA TYR B 97 6.19 -6.93 1.25
C TYR B 97 7.38 -7.29 2.13
N SER B 98 7.16 -8.13 3.13
CA SER B 98 8.11 -8.38 4.20
C SER B 98 8.49 -9.81 4.51
N VAL B 99 9.53 -9.93 5.35
CA VAL B 99 9.97 -11.20 5.91
C VAL B 99 9.42 -11.29 7.33
N SER B 100 8.82 -12.44 7.67
CA SER B 100 8.29 -12.51 9.03
C SER B 100 8.89 -13.71 9.76
N LEU B 101 9.29 -13.44 10.99
CA LEU B 101 9.92 -14.38 11.91
C LEU B 101 9.44 -14.10 13.33
N CYS B 102 9.11 -15.15 14.06
CA CYS B 102 8.77 -15.00 15.47
C CYS B 102 9.44 -16.13 16.25
N PHE B 103 10.12 -15.80 17.34
CA PHE B 103 10.86 -16.81 18.10
C PHE B 103 10.21 -17.08 19.45
N SER B 104 9.93 -18.36 19.66
CA SER B 104 9.28 -18.86 20.85
C SER B 104 9.93 -20.15 21.35
N TYR B 105 9.87 -20.32 22.68
CA TYR B 105 10.41 -21.52 23.31
C TYR B 105 9.53 -22.72 23.02
N SER B 106 8.24 -22.56 23.31
CA SER B 106 7.30 -23.66 23.18
C SER B 106 6.59 -23.68 21.82
N ASP B 107 5.55 -24.50 21.79
CA ASP B 107 4.64 -24.71 20.68
C ASP B 107 3.75 -23.50 20.46
N LYS B 108 3.60 -22.67 21.48
CA LYS B 108 2.61 -21.60 21.42
C LYS B 108 3.20 -20.20 21.54
N LEU B 109 2.48 -19.27 20.92
CA LEU B 109 2.75 -17.85 20.85
C LEU B 109 3.13 -17.26 22.19
N LYS B 110 2.41 -17.66 23.22
CA LYS B 110 2.58 -17.19 24.58
C LYS B 110 4.03 -17.23 25.04
N ASP B 111 4.79 -18.19 24.51
CA ASP B 111 6.19 -18.32 24.92
C ASP B 111 7.13 -17.84 23.81
N ALA B 112 6.78 -16.71 23.21
CA ALA B 112 7.57 -16.10 22.14
C ALA B 112 8.37 -14.92 22.68
N PHE B 113 9.65 -14.82 22.31
CA PHE B 113 10.46 -13.77 22.95
C PHE B 113 10.95 -12.73 21.98
N PHE B 114 10.73 -12.93 20.68
CA PHE B 114 11.28 -11.98 19.71
C PHE B 114 10.43 -11.93 18.44
N GLY B 115 10.22 -10.70 17.97
CA GLY B 115 9.46 -10.34 16.79
C GLY B 115 10.24 -9.50 15.82
N TYR B 116 10.11 -9.82 14.53
CA TYR B 116 10.94 -9.15 13.54
C TYR B 116 10.31 -9.18 12.14
N VAL B 117 9.93 -8.00 11.66
CA VAL B 117 9.41 -7.86 10.31
C VAL B 117 10.26 -6.88 9.51
N TYR B 118 10.71 -7.28 8.33
CA TYR B 118 11.59 -6.48 7.50
C TYR B 118 10.96 -6.20 6.14
N ASN B 119 10.70 -4.93 5.83
CA ASN B 119 10.17 -4.60 4.50
C ASN B 119 11.27 -4.75 3.45
N LEU B 120 11.12 -5.73 2.55
CA LEU B 120 12.18 -6.03 1.59
C LEU B 120 12.20 -5.04 0.44
N ALA B 121 11.24 -4.11 0.43
CA ALA B 121 11.31 -3.16 -0.68
C ALA B 121 12.19 -1.99 -0.25
N THR B 122 11.81 -1.42 0.88
CA THR B 122 12.44 -0.24 1.44
C THR B 122 13.65 -0.54 2.31
N GLY B 123 13.66 -1.73 2.91
CA GLY B 123 14.71 -2.07 3.87
C GLY B 123 14.31 -1.64 5.27
N ASP B 124 13.02 -1.46 5.53
CA ASP B 124 12.56 -1.02 6.84
C ASP B 124 12.59 -2.17 7.83
N GLU B 125 13.24 -1.97 8.98
CA GLU B 125 13.33 -3.07 9.94
C GLU B 125 12.40 -2.86 11.14
N TYR B 126 11.64 -3.93 11.40
CA TYR B 126 10.71 -3.95 12.52
C TYR B 126 11.11 -5.07 13.47
N TYR B 127 11.25 -4.78 14.76
CA TYR B 127 11.56 -5.89 15.66
C TYR B 127 11.11 -5.57 17.08
N ALA B 128 11.14 -6.63 17.89
CA ALA B 128 10.76 -6.49 19.28
C ALA B 128 11.31 -7.65 20.09
N ASP B 129 11.68 -7.34 21.32
CA ASP B 129 12.10 -8.26 22.36
C ASP B 129 11.77 -7.62 23.71
N SER B 130 12.27 -8.20 24.80
CA SER B 130 11.99 -7.69 26.14
C SER B 130 12.24 -6.19 26.25
N SER B 131 13.22 -5.69 25.49
CA SER B 131 13.64 -4.30 25.51
C SER B 131 12.54 -3.38 24.99
N GLY B 132 11.93 -3.74 23.86
CA GLY B 132 10.83 -2.95 23.32
C GLY B 132 10.60 -3.18 21.84
N ALA B 133 9.83 -2.28 21.23
CA ALA B 133 9.50 -2.35 19.81
C ALA B 133 10.17 -1.23 19.02
N TYR B 134 10.91 -1.63 17.98
CA TYR B 134 11.62 -0.64 17.18
C TYR B 134 11.39 -0.83 15.68
N ARG B 135 11.46 0.30 14.99
CA ARG B 135 11.41 0.44 13.56
C ARG B 135 12.63 1.21 13.06
N ASN B 136 13.57 0.52 12.42
CA ASN B 136 14.76 1.26 11.98
C ASN B 136 15.47 1.87 13.19
N GLY B 137 15.43 1.16 14.32
CA GLY B 137 16.11 1.60 15.51
C GLY B 137 15.27 2.40 16.49
N GLU B 138 14.73 3.53 16.05
CA GLU B 138 13.96 4.39 16.96
C GLU B 138 12.85 3.63 17.67
N ARG B 139 12.69 3.85 18.96
CA ARG B 139 11.64 3.16 19.71
C ARG B 139 10.25 3.54 19.24
N ILE B 140 9.37 2.56 19.06
CA ILE B 140 8.02 2.88 18.60
C ILE B 140 6.98 2.58 19.66
N GLU B 141 5.73 2.97 19.36
CA GLU B 141 4.59 2.60 20.19
C GLU B 141 3.30 2.93 19.44
N VAL B 142 2.27 2.11 19.64
CA VAL B 142 0.99 2.35 18.97
C VAL B 142 0.49 3.77 19.23
N SER B 143 -0.52 4.21 18.50
CA SER B 143 -1.03 5.58 18.64
C SER B 143 -2.06 5.68 19.75
N ASP B 144 -2.37 6.90 20.18
CA ASP B 144 -3.38 7.06 21.22
C ASP B 144 -4.68 7.64 20.66
N ALA B 145 -5.01 7.27 19.43
CA ALA B 145 -6.28 7.72 18.86
C ALA B 145 -7.44 7.01 19.56
N GLU B 146 -8.25 7.81 20.24
CA GLU B 146 -9.34 7.35 21.08
C GLU B 146 -10.70 7.46 20.41
N GLU B 147 -10.74 7.81 19.13
CA GLU B 147 -12.02 8.01 18.44
C GLU B 147 -12.25 6.99 17.33
N LEU B 148 -13.48 6.50 17.23
CA LEU B 148 -13.81 5.54 16.17
C LEU B 148 -13.54 6.16 14.81
N TYR B 149 -13.66 7.48 14.73
CA TYR B 149 -13.27 8.23 13.54
C TYR B 149 -11.74 8.33 13.51
N CYS B 150 -11.13 7.36 12.83
CA CYS B 150 -9.68 7.26 12.84
C CYS B 150 -9.15 6.52 11.62
N ASN B 151 -7.84 6.38 11.55
CA ASN B 151 -7.16 5.71 10.44
C ASN B 151 -7.14 4.20 10.64
N ALA B 152 -7.67 3.46 9.66
CA ALA B 152 -7.72 2.01 9.87
C ALA B 152 -7.35 1.20 8.64
N ILE B 153 -6.88 0.00 8.94
CA ILE B 153 -6.68 -1.12 8.04
C ILE B 153 -7.74 -2.17 8.38
N ILE B 154 -8.55 -2.56 7.40
CA ILE B 154 -9.65 -3.48 7.63
C ILE B 154 -9.77 -4.55 6.56
N TYR B 155 -9.64 -5.80 7.00
CA TYR B 155 -9.85 -6.98 6.20
C TYR B 155 -11.13 -7.68 6.64
N TYR B 156 -12.24 -7.51 5.96
CA TYR B 156 -12.47 -6.63 4.82
C TYR B 156 -13.63 -5.69 5.12
N PRO B 157 -13.64 -4.48 4.58
CA PRO B 157 -14.85 -3.66 4.78
C PRO B 157 -16.05 -4.37 4.16
N ASP B 158 -17.04 -4.74 4.97
CA ASP B 158 -18.21 -5.45 4.45
C ASP B 158 -19.48 -4.63 4.65
N ARG B 159 -19.50 -3.83 5.71
CA ARG B 159 -20.58 -2.89 5.95
C ARG B 159 -20.06 -1.46 5.77
N LYS B 160 -20.72 -0.50 6.42
CA LYS B 160 -20.29 0.91 6.32
C LYS B 160 -19.72 1.38 7.64
N PHE B 161 -18.41 1.58 7.69
CA PHE B 161 -17.77 1.90 8.97
C PHE B 161 -17.59 3.40 9.21
N PRO B 162 -17.52 3.72 10.50
CA PRO B 162 -17.25 5.09 10.95
C PRO B 162 -15.76 5.34 11.03
N PHE B 163 -15.05 5.08 9.93
CA PHE B 163 -13.62 5.26 9.89
C PHE B 163 -13.23 6.51 9.09
N LYS B 164 -12.30 7.28 9.66
CA LYS B 164 -11.79 8.43 8.93
C LYS B 164 -11.19 7.93 7.61
N ARG B 165 -10.17 7.08 7.75
CA ARG B 165 -9.50 6.42 6.64
C ARG B 165 -9.54 4.89 6.82
N MET B 166 -9.51 4.21 5.69
CA MET B 166 -9.42 2.76 5.62
C MET B 166 -8.42 2.34 4.56
N ARG B 167 -7.41 1.56 4.93
CA ARG B 167 -6.49 1.09 3.90
C ARG B 167 -6.36 -0.43 3.94
N ILE B 168 -5.82 -1.02 2.89
CA ILE B 168 -5.56 -2.45 2.76
C ILE B 168 -4.36 -2.66 1.82
N PHE B 169 -3.21 -2.91 2.41
CA PHE B 169 -1.93 -2.91 1.70
C PHE B 169 -1.52 -4.28 1.19
N GLY B 170 -2.07 -5.36 1.74
CA GLY B 170 -1.79 -6.68 1.23
C GLY B 170 -0.58 -7.40 1.80
N SER B 171 -0.27 -7.16 3.06
CA SER B 171 0.79 -7.83 3.81
C SER B 171 0.55 -7.66 5.30
N ALA B 172 -0.25 -8.58 5.85
CA ALA B 172 -0.67 -8.55 7.25
C ALA B 172 0.48 -8.35 8.22
N ALA B 173 1.65 -8.92 7.93
CA ALA B 173 2.79 -8.80 8.82
C ALA B 173 3.31 -7.36 8.88
N THR B 174 3.27 -6.68 7.74
CA THR B 174 3.75 -5.30 7.67
C THR B 174 2.75 -4.31 8.27
N GLU B 175 1.48 -4.44 7.90
CA GLU B 175 0.45 -3.54 8.39
C GLU B 175 0.27 -3.64 9.89
N LEU B 176 0.49 -4.83 10.45
CA LEU B 176 0.46 -4.91 11.92
C LEU B 176 1.57 -4.04 12.49
N CYS B 177 2.64 -3.89 11.71
CA CYS B 177 3.75 -3.02 12.08
C CYS B 177 3.39 -1.56 11.82
N PHE B 178 2.47 -1.32 10.88
CA PHE B 178 1.98 0.05 10.69
C PHE B 178 1.13 0.43 11.90
N PHE B 179 0.37 -0.57 12.38
CA PHE B 179 -0.39 -0.33 13.60
C PHE B 179 0.58 -0.16 14.76
N ALA B 180 1.64 -0.96 14.73
CA ALA B 180 2.59 -0.93 15.84
C ALA B 180 3.24 0.44 15.99
N ASP B 181 3.58 1.09 14.87
CA ASP B 181 4.32 2.35 14.92
C ASP B 181 3.43 3.57 15.01
N GLY B 182 2.16 3.38 15.38
CA GLY B 182 1.24 4.49 15.56
C GLY B 182 0.82 5.14 14.26
N SER B 183 1.33 4.64 13.14
CA SER B 183 0.98 5.19 11.84
C SER B 183 -0.51 4.94 11.54
N PHE B 184 -1.05 3.93 12.20
CA PHE B 184 -2.43 3.49 12.10
C PHE B 184 -2.95 3.10 13.47
N ASP B 185 -4.23 3.38 13.75
CA ASP B 185 -4.73 3.22 15.11
C ASP B 185 -5.40 1.88 15.34
N CYS B 186 -5.68 1.12 14.28
CA CYS B 186 -6.30 -0.19 14.51
C CYS B 186 -6.08 -1.14 13.35
N PHE B 187 -5.66 -2.36 13.67
CA PHE B 187 -5.57 -3.41 12.66
C PHE B 187 -6.77 -4.34 12.81
N LEU B 188 -7.31 -4.85 11.71
CA LEU B 188 -8.55 -5.61 11.77
C LEU B 188 -8.66 -6.63 10.65
N ASP B 189 -8.52 -7.91 10.97
CA ASP B 189 -8.82 -8.97 10.02
C ASP B 189 -9.95 -9.84 10.57
N ILE B 190 -11.16 -9.31 10.47
CA ILE B 190 -12.38 -9.94 10.94
C ILE B 190 -12.99 -10.83 9.85
N ARG B 191 -12.18 -11.19 8.86
CA ARG B 191 -12.69 -12.01 7.77
C ARG B 191 -13.36 -13.28 8.30
N PRO B 192 -14.60 -13.50 7.88
CA PRO B 192 -15.41 -14.63 8.36
C PRO B 192 -14.77 -15.97 8.04
N GLY B 193 -14.09 -16.05 6.90
CA GLY B 193 -13.43 -17.27 6.48
C GLY B 193 -12.20 -17.64 7.29
N LYS B 194 -11.94 -16.92 8.38
CA LYS B 194 -10.84 -17.11 9.31
C LYS B 194 -9.55 -17.52 8.60
N MET B 195 -9.21 -16.82 7.53
CA MET B 195 -8.13 -17.15 6.62
C MET B 195 -6.80 -16.48 6.94
N LEU B 196 -6.42 -16.48 8.21
CA LEU B 196 -5.16 -15.88 8.67
C LEU B 196 -4.37 -16.87 9.52
N ARG B 197 -3.20 -17.29 9.02
CA ARG B 197 -2.40 -18.29 9.71
C ARG B 197 -1.34 -17.67 10.61
N ILE B 198 -0.62 -18.55 11.33
CA ILE B 198 0.29 -18.20 12.40
C ILE B 198 1.58 -17.56 11.91
N TYR B 199 2.05 -17.97 10.74
CA TYR B 199 3.31 -17.42 10.24
C TYR B 199 3.13 -16.01 9.66
N ASP B 200 1.92 -15.51 9.76
CA ASP B 200 1.43 -14.22 9.34
C ASP B 200 1.36 -13.22 10.49
N ALA B 201 0.63 -13.59 11.53
CA ALA B 201 0.37 -12.64 12.60
C ALA B 201 1.43 -12.73 13.71
N ALA B 202 2.02 -13.91 13.85
CA ALA B 202 2.95 -14.23 14.90
C ALA B 202 3.93 -13.11 15.19
N ALA B 203 4.78 -12.82 14.20
CA ALA B 203 5.80 -11.78 14.34
C ALA B 203 5.14 -10.42 14.55
N GLY B 204 4.22 -10.08 13.66
CA GLY B 204 3.56 -8.79 13.72
C GLY B 204 2.87 -8.55 15.04
N VAL B 205 2.03 -9.49 15.44
CA VAL B 205 1.29 -9.43 16.69
C VAL B 205 2.20 -9.08 17.86
N PHE B 206 3.26 -9.86 18.05
CA PHE B 206 4.19 -9.64 19.14
C PHE B 206 4.83 -8.27 19.13
N ILE B 207 5.17 -7.70 17.98
CA ILE B 207 5.77 -6.35 18.05
C ILE B 207 4.71 -5.34 18.49
N ALA B 208 3.51 -5.53 17.94
CA ALA B 208 2.38 -4.72 18.35
C ALA B 208 2.23 -4.77 19.87
N GLU B 209 2.41 -5.95 20.44
CA GLU B 209 2.29 -6.13 21.88
C GLU B 209 3.33 -5.28 22.62
N LYS B 210 4.54 -5.26 22.05
CA LYS B 210 5.63 -4.52 22.67
C LYS B 210 5.40 -3.02 22.55
N ALA B 211 4.97 -2.61 21.37
CA ALA B 211 4.73 -1.21 21.01
C ALA B 211 3.63 -0.58 21.85
N GLY B 212 2.87 -1.39 22.58
CA GLY B 212 1.88 -0.91 23.51
C GLY B 212 0.45 -1.03 23.03
N GLY B 213 0.21 -1.91 22.06
CA GLY B 213 -1.16 -2.04 21.57
C GLY B 213 -1.78 -3.38 21.92
N LYS B 214 -2.98 -3.33 22.50
CA LYS B 214 -3.69 -4.56 22.83
C LYS B 214 -4.05 -5.31 21.55
N VAL B 215 -3.92 -6.63 21.55
CA VAL B 215 -4.23 -7.44 20.39
C VAL B 215 -4.79 -8.81 20.77
N THR B 216 -5.98 -9.14 20.28
CA THR B 216 -6.62 -10.41 20.56
C THR B 216 -7.34 -10.96 19.33
N GLU B 217 -8.43 -11.68 19.61
CA GLU B 217 -9.25 -12.30 18.59
C GLU B 217 -10.63 -11.66 18.51
N LEU B 218 -11.43 -12.08 17.55
CA LEU B 218 -12.76 -11.58 17.27
C LEU B 218 -13.58 -11.30 18.52
N ASP B 219 -13.60 -12.22 19.48
CA ASP B 219 -14.37 -12.01 20.71
C ASP B 219 -13.58 -11.21 21.73
N GLY B 220 -12.27 -11.48 21.79
CA GLY B 220 -11.39 -10.87 22.77
C GLY B 220 -10.48 -11.91 23.39
N GLU B 221 -10.74 -13.19 23.10
CA GLU B 221 -9.85 -14.22 23.62
C GLU B 221 -8.48 -14.03 22.97
N SER B 222 -7.45 -13.93 23.80
CA SER B 222 -6.08 -13.74 23.39
C SER B 222 -5.66 -14.67 22.25
N LEU B 223 -4.41 -14.52 21.83
CA LEU B 223 -3.84 -15.33 20.76
C LEU B 223 -2.98 -16.46 21.33
N GLY B 224 -2.75 -16.43 22.63
CA GLY B 224 -1.91 -17.36 23.34
C GLY B 224 -2.04 -18.82 22.90
N ASN B 225 -3.28 -19.30 22.86
CA ASN B 225 -3.59 -20.67 22.47
C ASN B 225 -2.87 -21.05 21.18
N LYS B 226 -2.84 -20.11 20.24
CA LYS B 226 -2.24 -20.24 18.92
C LYS B 226 -0.94 -21.05 18.96
N LYS B 227 -0.83 -21.98 18.02
CA LYS B 227 0.30 -22.90 17.92
C LYS B 227 1.10 -22.70 16.65
N PHE B 228 2.39 -23.03 16.71
CA PHE B 228 3.22 -22.91 15.52
C PHE B 228 2.95 -24.15 14.64
N ASP B 229 1.74 -24.19 14.13
CA ASP B 229 1.12 -25.32 13.45
C ASP B 229 0.55 -24.91 12.10
N MET B 230 0.34 -25.87 11.20
CA MET B 230 -0.15 -25.55 9.87
C MET B 230 -1.67 -25.47 9.81
N GLN B 231 -2.34 -25.89 10.87
CA GLN B 231 -3.80 -25.88 10.88
C GLN B 231 -4.35 -24.62 11.52
N GLU B 232 -3.54 -23.98 12.35
CA GLU B 232 -3.95 -22.78 13.05
C GLU B 232 -4.39 -21.68 12.10
N ARG B 233 -5.54 -21.09 12.42
CA ARG B 233 -6.11 -20.00 11.64
C ARG B 233 -6.51 -18.89 12.59
N LEU B 234 -6.73 -17.67 12.13
CA LEU B 234 -7.21 -16.68 13.11
C LEU B 234 -7.69 -15.38 12.48
N ASN B 235 -8.31 -14.57 13.32
CA ASN B 235 -8.78 -13.23 13.02
C ASN B 235 -8.15 -12.26 14.02
N ILE B 236 -7.94 -11.00 13.66
CA ILE B 236 -7.35 -10.13 14.68
C ILE B 236 -8.03 -8.77 14.81
N VAL B 237 -8.08 -8.28 16.04
CA VAL B 237 -8.54 -6.94 16.37
C VAL B 237 -7.48 -6.23 17.20
N ALA B 238 -6.72 -5.34 16.59
CA ALA B 238 -5.61 -4.71 17.29
C ALA B 238 -5.80 -3.21 17.45
N ALA B 239 -5.60 -2.75 18.68
CA ALA B 239 -5.71 -1.32 18.97
C ALA B 239 -5.19 -1.06 20.37
N ASN B 240 -4.97 0.20 20.74
CA ASN B 240 -4.48 0.49 22.09
C ASN B 240 -5.48 0.04 23.14
N GLU B 241 -5.41 0.61 24.35
CA GLU B 241 -6.30 0.11 25.39
C GLU B 241 -7.66 0.79 25.36
N LYS B 242 -7.75 1.97 24.76
CA LYS B 242 -9.01 2.73 24.78
C LYS B 242 -9.83 2.57 23.51
N LEU B 243 -9.35 1.79 22.55
CA LEU B 243 -10.04 1.68 21.27
C LEU B 243 -10.61 0.29 21.04
N HIS B 244 -9.79 -0.70 21.34
CA HIS B 244 -10.13 -2.11 21.16
C HIS B 244 -11.54 -2.44 21.63
N PRO B 245 -11.94 -2.08 22.84
CA PRO B 245 -13.32 -2.36 23.29
C PRO B 245 -14.35 -1.83 22.31
N LYS B 246 -14.37 -0.51 22.14
CA LYS B 246 -15.33 0.11 21.24
C LYS B 246 -15.24 -0.50 19.86
N LEU B 247 -14.02 -0.89 19.46
CA LEU B 247 -13.89 -1.47 18.13
C LEU B 247 -14.53 -2.85 18.10
N LEU B 248 -14.54 -3.50 19.25
CA LEU B 248 -15.21 -4.80 19.31
C LEU B 248 -16.71 -4.61 19.13
N GLU B 249 -17.30 -3.88 20.06
CA GLU B 249 -18.73 -3.57 20.07
C GLU B 249 -19.28 -3.21 18.69
N LEU B 250 -18.46 -2.52 17.91
CA LEU B 250 -18.90 -1.98 16.63
C LEU B 250 -19.10 -3.06 15.58
N ILE B 251 -18.55 -4.26 15.83
CA ILE B 251 -18.62 -5.32 14.82
C ILE B 251 -19.61 -6.41 15.21
N LYS B 252 -20.34 -6.22 16.30
CA LYS B 252 -21.31 -7.23 16.71
C LYS B 252 -22.30 -7.54 15.58
#